data_5RCF
#
_entry.id   5RCF
#
_cell.length_a   45.190
_cell.length_b   73.182
_cell.length_c   52.406
_cell.angle_alpha   90.000
_cell.angle_beta   109.010
_cell.angle_gamma   90.000
#
_symmetry.space_group_name_H-M   'P 1 21 1'
#
loop_
_entity.id
_entity.type
_entity.pdbx_description
1 polymer Endothiapepsin
2 non-polymer (1R)-1-(4-fluorophenyl)-N-[2-(1H-pyrazol-1-yl)ethyl]ethan-1-amine
3 non-polymer 'DIMETHYL SULFOXIDE'
4 non-polymer GLYCEROL
5 non-polymer 'ACETATE ION'
6 non-polymer 'TETRAETHYLENE GLYCOL'
7 water water
#
_entity_poly.entity_id   1
_entity_poly.type   'polypeptide(L)'
_entity_poly.pdbx_seq_one_letter_code
;MSSPLKNALVTAMLAGGALSSPTKQHVGIPVNASPEVGPGKYSFKQVRNPNYKFNGPLSVKKTYLKYGVPIPAWLEDAVQ
NSTSGLAERSTGSATTTPIDSLDDAYITPVQIGTPAQTLNLDFDTGSSDLWVFSSETTASEVDGQTIYTPSKSTTAKLLS
GATWSISYGDGSSSSGDVYTDTVSVGGLTVTGQAVESAKKVSSSFTEDSTIDGLLGLAFSTLNTVSPTQQKTFFDNAKAS
LDSPVFTADLGYHAPGTYNFGFIDTTAYTGSITYTAVSTKQGFWEWTSTGYAVGSGTFKSTSIDGIADTGTTLLYLPATV
VSAYWAQVSGAKSSSSVGGYVFPCSATLPSFTFGVGSARIVIPGDYIDFGPISTGSSSCFGGIQSSAGIGINIFGDVALK
AAFVVFNGATTPTLGFASK
;
_entity_poly.pdbx_strand_id   A
#
# COMPACT_ATOMS: atom_id res chain seq x y z
N SER A 90 20.26 -14.15 8.90
N SER A 90 20.04 -14.57 9.07
CA SER A 90 19.29 -13.48 9.85
CA SER A 90 19.10 -13.94 10.02
C SER A 90 17.86 -13.50 9.27
C SER A 90 17.76 -13.78 9.31
N THR A 91 16.83 -13.42 10.14
CA THR A 91 15.43 -13.20 9.69
C THR A 91 14.83 -12.15 10.59
N GLY A 92 13.68 -11.63 10.16
CA GLY A 92 12.84 -10.84 11.05
C GLY A 92 11.38 -11.12 10.74
N SER A 93 10.53 -10.88 11.71
CA SER A 93 9.08 -11.12 11.55
C SER A 93 8.34 -10.12 12.40
N ALA A 94 7.49 -9.30 11.81
CA ALA A 94 6.77 -8.24 12.55
C ALA A 94 5.32 -8.29 12.15
N THR A 95 4.45 -8.06 13.10
CA THR A 95 3.02 -7.93 12.84
C THR A 95 2.67 -6.57 12.30
N THR A 96 1.82 -6.51 11.30
CA THR A 96 1.33 -5.26 10.71
C THR A 96 -0.16 -5.17 10.98
N THR A 97 -0.64 -3.99 11.34
CA THR A 97 -1.98 -3.80 11.90
C THR A 97 -2.70 -2.71 11.12
N PRO A 98 -3.94 -2.93 10.65
N PRO A 98 -3.94 -2.93 10.71
N PRO A 98 -3.95 -2.89 10.65
N PRO A 98 -3.96 -2.89 10.69
CA PRO A 98 -4.70 -1.84 10.06
CA PRO A 98 -4.67 -1.91 9.96
CA PRO A 98 -4.69 -1.78 10.07
CA PRO A 98 -4.64 -1.83 9.94
C PRO A 98 -4.80 -0.62 10.97
C PRO A 98 -4.89 -0.73 10.91
C PRO A 98 -4.76 -0.49 10.92
C PRO A 98 -4.86 -0.58 10.80
N ILE A 99 -4.78 0.54 10.36
N ILE A 99 -4.80 0.47 10.37
N ILE A 99 -4.68 0.67 10.26
N ILE A 99 -4.65 0.61 10.22
CA ILE A 99 -4.89 1.78 11.17
CA ILE A 99 -4.90 1.71 11.20
CA ILE A 99 -4.72 1.99 10.95
CA ILE A 99 -4.66 1.90 10.97
C ILE A 99 -6.35 2.06 11.50
C ILE A 99 -6.35 2.03 11.52
C ILE A 99 -6.17 2.38 11.27
C ILE A 99 -6.08 2.27 11.39
N ASP A 100 -7.29 1.45 10.83
N ASP A 100 -7.29 1.45 10.82
N ASP A 100 -7.13 1.80 10.59
N ASP A 100 -7.09 1.80 10.67
CA ASP A 100 -8.71 1.79 11.02
CA ASP A 100 -8.71 1.80 11.02
CA ASP A 100 -8.55 2.19 10.77
CA ASP A 100 -8.52 2.18 10.85
C ASP A 100 -9.55 0.66 10.52
C ASP A 100 -9.55 0.66 10.51
C ASP A 100 -9.47 1.07 10.29
C ASP A 100 -9.43 1.05 10.36
N SER A 101 -10.86 0.80 10.64
N SER A 101 -10.87 0.80 10.65
N SER A 101 -10.76 1.31 10.40
N SER A 101 -10.75 1.26 10.41
CA SER A 101 -11.81 -0.29 10.37
CA SER A 101 -11.81 -0.29 10.37
CA SER A 101 -11.80 0.29 10.11
CA SER A 101 -11.78 0.23 10.11
C SER A 101 -11.93 -0.55 8.87
C SER A 101 -11.93 -0.55 8.87
C SER A 101 -11.92 -0.03 8.62
C SER A 101 -11.90 -0.07 8.62
N LEU A 102 -11.34 0.28 8.01
N LEU A 102 -11.35 0.28 8.01
N LEU A 102 -11.26 0.74 7.75
N LEU A 102 -11.22 0.71 7.77
CA LEU A 102 -11.44 0.11 6.53
CA LEU A 102 -11.44 0.11 6.53
CA LEU A 102 -11.30 0.55 6.28
CA LEU A 102 -11.30 0.58 6.29
C LEU A 102 -10.19 -0.51 5.94
C LEU A 102 -10.19 -0.51 5.94
C LEU A 102 -10.01 -0.02 5.76
C LEU A 102 -10.02 -0.04 5.73
N ASP A 103 -9.17 -0.78 6.75
N ASP A 103 -9.18 -0.79 6.75
N ASP A 103 -9.03 -0.34 6.59
N ASP A 103 -9.04 -0.35 6.58
CA ASP A 103 -7.86 -1.23 6.25
CA ASP A 103 -7.86 -1.23 6.25
CA ASP A 103 -7.73 -0.81 6.08
CA ASP A 103 -7.73 -0.83 6.09
C ASP A 103 -7.29 -0.15 5.32
C ASP A 103 -7.29 -0.15 5.32
C ASP A 103 -7.16 0.27 5.15
C ASP A 103 -7.13 0.23 5.16
N ASP A 104 -7.34 1.12 5.70
N ASP A 104 -7.34 1.12 5.70
N ASP A 104 -7.29 1.52 5.53
N ASP A 104 -7.27 1.50 5.49
CA ASP A 104 -6.81 2.17 4.80
CA ASP A 104 -6.81 2.17 4.80
CA ASP A 104 -6.68 2.58 4.70
CA ASP A 104 -6.69 2.57 4.65
C ASP A 104 -5.28 2.16 4.66
C ASP A 104 -5.28 2.16 4.66
C ASP A 104 -5.21 2.23 4.52
C ASP A 104 -5.19 2.31 4.50
N ALA A 105 -4.61 1.62 5.67
N ALA A 105 -4.61 1.62 5.67
N ALA A 105 -4.55 1.83 5.60
N ALA A 105 -4.53 1.94 5.60
CA ALA A 105 -3.15 1.48 5.68
CA ALA A 105 -3.15 1.48 5.68
CA ALA A 105 -3.13 1.44 5.55
CA ALA A 105 -3.11 1.51 5.57
C ALA A 105 -2.86 0.52 6.80
C ALA A 105 -2.86 0.52 6.80
C ALA A 105 -2.84 0.61 6.79
C ALA A 105 -2.84 0.63 6.79
N TYR A 106 -1.62 0.09 6.87
CA TYR A 106 -1.16 -0.82 7.90
C TYR A 106 0.09 -0.25 8.52
N ILE A 107 0.22 -0.39 9.82
CA ILE A 107 1.40 0.07 10.55
C ILE A 107 2.11 -1.09 11.19
N THR A 108 3.42 -0.99 11.23
CA THR A 108 4.34 -2.02 11.72
C THR A 108 5.30 -1.35 12.69
N PRO A 109 5.49 -1.88 13.90
CA PRO A 109 6.42 -1.24 14.83
C PRO A 109 7.86 -1.45 14.35
N VAL A 110 8.65 -0.40 14.50
CA VAL A 110 10.05 -0.38 14.08
C VAL A 110 10.86 0.25 15.20
N GLN A 111 11.95 -0.39 15.59
CA GLN A 111 12.84 0.14 16.63
C GLN A 111 13.94 0.94 15.98
N ILE A 112 14.11 2.18 16.40
CA ILE A 112 15.14 3.07 15.85
C ILE A 112 15.99 3.59 17.01
N GLY A 113 17.29 3.50 16.88
CA GLY A 113 18.19 4.13 17.84
C GLY A 113 18.52 3.28 19.03
N THR A 114 19.30 3.91 19.91
CA THR A 114 19.78 3.24 21.15
C THR A 114 19.71 4.23 22.29
N PRO A 115 18.94 4.00 23.37
CA PRO A 115 17.98 2.89 23.47
C PRO A 115 16.92 3.01 22.39
N ALA A 116 16.21 1.91 22.14
CA ALA A 116 15.21 1.86 21.08
C ALA A 116 14.15 2.91 21.27
N GLN A 117 13.78 3.55 20.17
CA GLN A 117 12.59 4.37 20.05
C GLN A 117 11.66 3.64 19.09
N THR A 118 10.51 3.21 19.52
CA THR A 118 9.61 2.43 18.67
C THR A 118 8.63 3.39 18.00
N LEU A 119 8.63 3.37 16.67
CA LEU A 119 7.70 4.15 15.85
C LEU A 119 6.90 3.20 15.00
N ASN A 120 5.66 3.52 14.73
CA ASN A 120 4.78 2.71 13.89
C ASN A 120 4.81 3.22 12.45
N LEU A 121 5.44 2.46 11.57
CA LEU A 121 5.68 2.93 10.20
C LEU A 121 4.81 2.18 9.21
N ASP A 122 4.52 2.88 8.13
N ASP A 122 4.52 2.88 8.13
N ASP A 122 4.50 2.89 8.12
N ASP A 122 4.48 2.89 8.12
CA ASP A 122 3.77 2.37 6.98
CA ASP A 122 3.77 2.36 6.99
CA ASP A 122 3.74 2.35 6.97
CA ASP A 122 3.72 2.36 6.97
C ASP A 122 4.77 1.75 6.01
C ASP A 122 4.77 1.75 6.01
C ASP A 122 4.72 1.76 5.98
C ASP A 122 4.72 1.77 5.98
N PHE A 123 4.81 0.44 5.93
CA PHE A 123 5.73 -0.27 5.03
C PHE A 123 5.19 -0.13 3.61
N ASP A 124 6.00 0.40 2.71
N ASP A 124 5.99 0.40 2.71
N ASP A 124 5.99 0.47 2.74
N ASP A 124 5.98 0.48 2.73
CA ASP A 124 5.51 0.90 1.41
CA ASP A 124 5.51 0.90 1.41
CA ASP A 124 5.50 0.86 1.41
CA ASP A 124 5.50 0.88 1.40
C ASP A 124 6.37 0.30 0.29
C ASP A 124 6.37 0.30 0.29
C ASP A 124 6.40 0.25 0.32
C ASP A 124 6.40 0.26 0.33
N THR A 125 5.90 -0.76 -0.35
CA THR A 125 6.63 -1.36 -1.47
C THR A 125 6.58 -0.49 -2.73
N GLY A 126 5.92 0.63 -2.70
CA GLY A 126 5.91 1.61 -3.78
C GLY A 126 6.82 2.81 -3.58
N SER A 127 7.67 2.84 -2.57
CA SER A 127 8.62 3.94 -2.41
C SER A 127 9.84 3.42 -1.70
N SER A 128 10.85 4.26 -1.58
CA SER A 128 12.20 3.79 -1.20
C SER A 128 12.86 4.66 -0.16
N ASP A 129 12.10 5.41 0.61
CA ASP A 129 12.61 6.28 1.69
C ASP A 129 12.08 5.75 3.01
N LEU A 130 12.93 5.70 4.02
CA LEU A 130 12.52 5.43 5.40
C LEU A 130 12.56 6.79 6.07
N TRP A 131 11.40 7.37 6.29
CA TRP A 131 11.34 8.70 6.90
C TRP A 131 10.41 8.66 8.08
N VAL A 132 10.67 9.54 9.03
CA VAL A 132 9.96 9.57 10.32
C VAL A 132 9.62 10.99 10.73
N PHE A 133 8.50 11.11 11.40
CA PHE A 133 8.24 12.27 12.27
C PHE A 133 9.36 12.30 13.29
N SER A 134 9.79 13.51 13.64
CA SER A 134 10.97 13.67 14.46
C SER A 134 10.87 14.92 15.35
N SER A 135 11.89 15.05 16.19
CA SER A 135 12.13 16.28 16.99
C SER A 135 12.37 17.46 16.09
N GLU A 136 12.63 17.27 14.81
CA GLU A 136 12.90 18.38 13.85
C GLU A 136 11.62 18.75 13.14
N THR A 137 10.54 17.99 13.25
CA THR A 137 9.36 18.26 12.43
C THR A 137 8.69 19.55 12.97
N THR A 138 8.38 20.47 12.08
CA THR A 138 7.63 21.71 12.39
C THR A 138 6.53 21.38 13.39
N ALA A 139 6.50 22.03 14.54
CA ALA A 139 5.64 21.62 15.65
C ALA A 139 4.16 21.63 15.23
N SER A 140 3.74 22.64 14.46
CA SER A 140 2.34 22.74 14.00
C SER A 140 1.92 21.60 13.05
N GLU A 141 2.89 20.83 12.57
CA GLU A 141 2.61 19.72 11.63
C GLU A 141 2.61 18.37 12.35
N VAL A 142 2.81 18.37 13.64
CA VAL A 142 2.75 17.12 14.43
C VAL A 142 1.44 17.16 15.21
N ASP A 143 0.66 16.12 15.16
CA ASP A 143 -0.59 15.99 15.92
C ASP A 143 -0.83 14.53 16.33
N GLY A 144 -0.15 14.08 17.33
CA GLY A 144 -0.36 12.78 17.94
C GLY A 144 0.67 11.76 17.56
N GLN A 145 1.48 12.01 16.54
CA GLN A 145 2.48 10.99 16.11
C GLN A 145 3.53 10.83 17.18
N THR A 146 4.14 9.67 17.25
CA THR A 146 5.36 9.45 18.01
C THR A 146 6.53 9.93 17.17
N ILE A 147 7.44 10.64 17.76
CA ILE A 147 8.59 11.21 17.05
C ILE A 147 9.89 10.51 17.40
N TYR A 148 10.77 10.46 16.43
CA TYR A 148 12.15 10.06 16.60
C TYR A 148 12.97 11.28 17.04
N THR A 149 13.75 11.13 18.10
CA THR A 149 14.62 12.21 18.62
C THR A 149 16.05 11.73 18.51
N PRO A 150 16.78 12.11 17.44
CA PRO A 150 18.12 11.60 17.27
C PRO A 150 19.07 11.96 18.41
N SER A 151 18.84 13.09 19.05
CA SER A 151 19.73 13.55 20.13
C SER A 151 19.64 12.60 21.32
N LYS A 152 18.62 11.75 21.42
CA LYS A 152 18.47 10.79 22.53
C LYS A 152 19.02 9.43 22.13
N SER A 153 19.55 9.28 20.94
CA SER A 153 20.08 7.99 20.46
C SER A 153 21.60 8.05 20.46
N THR A 154 22.23 7.13 21.14
CA THR A 154 23.70 7.10 21.24
C THR A 154 24.30 6.66 19.94
N THR A 155 23.53 6.06 19.03
CA THR A 155 24.04 5.52 17.76
C THR A 155 23.64 6.43 16.58
N ALA A 156 22.92 7.50 16.82
CA ALA A 156 22.53 8.38 15.71
C ALA A 156 23.72 9.23 15.27
N LYS A 157 23.91 9.40 13.96
N LYS A 157 23.83 9.49 14.00
N LYS A 157 23.91 9.40 13.96
N LYS A 157 23.85 9.47 13.99
CA LYS A 157 24.98 10.23 13.32
CA LYS A 157 24.83 10.43 13.49
CA LYS A 157 24.98 10.24 13.33
CA LYS A 157 24.85 10.41 13.47
C LYS A 157 24.36 11.08 12.20
C LYS A 157 24.19 11.16 12.32
C LYS A 157 24.37 11.09 12.20
C LYS A 157 24.21 11.15 12.32
N LEU A 158 24.41 12.44 12.29
CA LEU A 158 23.95 13.26 11.16
C LEU A 158 24.66 12.78 9.91
N LEU A 159 23.93 12.59 8.83
CA LEU A 159 24.53 12.31 7.51
C LEU A 159 24.71 13.70 6.88
N SER A 160 25.89 14.27 7.09
N SER A 160 25.91 14.22 7.03
N SER A 160 25.89 14.27 7.10
N SER A 160 25.92 14.22 7.04
CA SER A 160 26.08 15.71 6.89
CA SER A 160 26.24 15.64 6.78
CA SER A 160 26.09 15.71 6.89
CA SER A 160 26.24 15.64 6.78
C SER A 160 25.84 16.07 5.42
C SER A 160 25.84 16.03 5.36
C SER A 160 25.84 16.07 5.42
C SER A 160 25.84 16.03 5.36
N GLY A 161 25.02 17.09 5.21
CA GLY A 161 24.72 17.65 3.90
C GLY A 161 23.61 16.96 3.18
N ALA A 162 23.11 15.85 3.70
CA ALA A 162 22.11 15.06 2.96
C ALA A 162 20.72 15.62 3.24
N THR A 163 19.93 15.76 2.19
CA THR A 163 18.52 16.14 2.33
C THR A 163 17.68 15.19 1.52
N TRP A 164 16.37 15.27 1.76
CA TRP A 164 15.43 14.43 1.04
C TRP A 164 14.12 15.20 0.87
N SER A 165 13.37 14.78 -0.13
CA SER A 165 12.06 15.39 -0.42
C SER A 165 11.33 14.43 -1.34
N ILE A 166 10.11 14.11 -0.93
CA ILE A 166 9.34 13.08 -1.65
C ILE A 166 7.90 13.53 -1.78
N SER A 167 7.30 13.14 -2.88
CA SER A 167 5.84 13.32 -3.04
C SER A 167 5.26 12.01 -3.51
N TYR A 168 4.06 11.69 -3.08
N TYR A 168 4.06 11.70 -3.09
N TYR A 168 4.04 11.74 -2.98
N TYR A 168 4.04 11.75 -3.03
CA TYR A 168 3.49 10.38 -3.41
CA TYR A 168 3.50 10.37 -3.41
CA TYR A 168 3.24 10.49 -3.05
CA TYR A 168 3.28 10.46 -3.12
C TYR A 168 2.45 10.55 -4.50
C TYR A 168 2.46 10.56 -4.50
C TYR A 168 1.97 10.70 -3.93
C TYR A 168 2.05 10.62 -4.02
N GLY A 169 1.96 9.44 -5.02
N GLY A 169 1.97 9.44 -5.03
N GLY A 169 1.36 9.58 -4.30
N GLY A 169 1.53 9.49 -4.48
CA GLY A 169 0.90 9.43 -6.05
CA GLY A 169 0.91 9.43 -6.05
CA GLY A 169 0.35 9.49 -5.38
CA GLY A 169 0.50 9.38 -5.54
C GLY A 169 -0.33 10.23 -5.64
C GLY A 169 -0.31 10.23 -5.64
C GLY A 169 -0.92 10.22 -5.03
C GLY A 169 -0.80 10.08 -5.15
N ASP A 170 -0.60 10.35 -4.33
N ASP A 170 -0.59 10.34 -4.33
N ASP A 170 -1.18 10.42 -3.73
N ASP A 170 -1.00 10.36 -3.86
CA ASP A 170 -1.86 10.92 -3.78
CA ASP A 170 -1.85 10.92 -3.78
CA ASP A 170 -2.29 11.27 -3.27
CA ASP A 170 -2.16 11.14 -3.37
C ASP A 170 -1.75 12.42 -3.45
C ASP A 170 -1.74 12.41 -3.45
C ASP A 170 -1.82 12.72 -3.32
C ASP A 170 -1.81 12.62 -3.34
N GLY A 171 -0.61 13.03 -3.78
CA GLY A 171 -0.25 14.44 -3.63
C GLY A 171 0.31 14.81 -2.27
N SER A 172 0.52 13.82 -1.40
N SER A 172 0.52 13.82 -1.40
N SER A 172 0.44 13.87 -1.32
N SER A 172 0.44 13.86 -1.34
CA SER A 172 1.13 14.05 -0.09
CA SER A 172 1.14 14.06 -0.08
CA SER A 172 1.09 14.17 -0.02
CA SER A 172 1.08 14.12 -0.02
C SER A 172 2.65 14.20 -0.27
C SER A 172 2.65 14.20 -0.27
C SER A 172 2.60 14.16 -0.22
C SER A 172 2.60 14.15 -0.21
N SER A 173 3.30 14.78 0.73
CA SER A 173 4.74 15.03 0.62
C SER A 173 5.34 15.22 1.99
N SER A 174 6.67 15.11 2.01
CA SER A 174 7.46 15.35 3.20
C SER A 174 8.92 15.60 2.72
N SER A 175 9.68 16.22 3.63
CA SER A 175 11.09 16.52 3.34
C SER A 175 11.85 16.78 4.63
N GLY A 176 13.18 16.72 4.53
CA GLY A 176 13.99 16.99 5.70
C GLY A 176 15.44 16.68 5.48
N ASP A 177 16.07 16.30 6.59
CA ASP A 177 17.51 15.91 6.63
C ASP A 177 17.66 14.46 7.04
N VAL A 178 18.87 14.00 7.28
CA VAL A 178 19.11 12.55 7.35
C VAL A 178 20.05 12.25 8.46
N TYR A 179 19.75 11.20 9.20
CA TYR A 179 20.66 10.61 10.20
C TYR A 179 20.96 9.18 9.78
N THR A 180 22.05 8.61 10.19
CA THR A 180 22.17 7.15 10.18
C THR A 180 21.96 6.66 11.59
N ASP A 181 21.34 5.49 11.72
CA ASP A 181 21.10 4.92 13.05
C ASP A 181 20.83 3.42 12.88
N THR A 182 20.75 2.75 14.01
CA THR A 182 20.39 1.32 14.03
C THR A 182 18.89 1.18 13.95
N VAL A 183 18.42 0.35 13.05
CA VAL A 183 16.97 0.13 12.84
C VAL A 183 16.73 -1.35 12.91
N SER A 184 15.72 -1.74 13.69
CA SER A 184 15.34 -3.15 13.80
C SER A 184 13.87 -3.34 13.48
N VAL A 185 13.57 -4.36 12.73
CA VAL A 185 12.21 -4.75 12.38
C VAL A 185 12.01 -6.19 12.75
N GLY A 186 11.16 -6.46 13.70
CA GLY A 186 10.84 -7.85 13.98
C GLY A 186 12.03 -8.68 14.38
N GLY A 187 12.98 -8.08 15.06
CA GLY A 187 14.19 -8.79 15.48
C GLY A 187 15.32 -8.75 14.47
N LEU A 188 15.16 -8.23 13.27
CA LEU A 188 16.23 -8.07 12.28
C LEU A 188 16.81 -6.69 12.36
N THR A 189 18.11 -6.58 12.59
CA THR A 189 18.77 -5.28 12.85
C THR A 189 19.65 -4.92 11.68
N VAL A 190 19.57 -3.67 11.27
CA VAL A 190 20.49 -3.01 10.32
C VAL A 190 21.20 -1.89 11.03
N THR A 191 22.51 -1.88 10.97
CA THR A 191 23.25 -0.72 11.43
C THR A 191 23.54 0.23 10.27
N GLY A 192 23.64 1.50 10.59
CA GLY A 192 23.95 2.51 9.58
C GLY A 192 22.81 2.72 8.62
N GLN A 193 21.58 2.46 8.96
CA GLN A 193 20.44 2.73 8.08
C GLN A 193 20.21 4.23 8.00
N ALA A 194 19.95 4.75 6.80
CA ALA A 194 19.52 6.13 6.64
C ALA A 194 18.10 6.28 7.18
N VAL A 195 17.96 7.12 8.16
CA VAL A 195 16.69 7.49 8.80
C VAL A 195 16.45 8.93 8.42
N GLU A 196 15.47 9.16 7.57
CA GLU A 196 15.20 10.49 7.01
C GLU A 196 14.28 11.19 7.97
N SER A 197 14.75 12.24 8.60
CA SER A 197 14.04 13.01 9.63
C SER A 197 13.21 14.09 8.98
N ALA A 198 11.91 14.11 9.14
CA ALA A 198 11.07 15.13 8.51
C ALA A 198 11.21 16.46 9.23
N LYS A 199 11.46 17.48 8.44
CA LYS A 199 11.29 18.89 8.89
C LYS A 199 9.90 19.35 8.51
N LYS A 200 9.34 18.89 7.42
CA LYS A 200 8.02 19.32 6.95
C LYS A 200 7.27 18.09 6.47
N VAL A 201 5.98 18.05 6.76
CA VAL A 201 5.09 17.02 6.22
C VAL A 201 3.83 17.73 5.71
N SER A 202 3.18 17.16 4.74
CA SER A 202 1.91 17.74 4.23
C SER A 202 0.76 17.40 5.17
N SER A 203 -0.36 18.06 4.94
CA SER A 203 -1.53 17.98 5.83
C SER A 203 -2.02 16.55 6.05
N SER A 204 -2.01 15.73 5.00
N SER A 204 -2.01 15.73 5.00
N SER A 204 -2.07 15.71 5.05
N SER A 204 -2.06 15.72 5.01
CA SER A 204 -2.51 14.33 5.02
CA SER A 204 -2.51 14.33 5.02
CA SER A 204 -2.63 14.36 5.29
CA SER A 204 -2.57 14.33 5.13
C SER A 204 -1.70 13.49 6.03
C SER A 204 -1.70 13.49 6.03
C SER A 204 -1.73 13.65 6.31
C SER A 204 -1.76 13.59 6.19
N PHE A 205 -0.42 13.79 6.21
N PHE A 205 -0.41 13.80 6.21
N PHE A 205 -0.41 13.87 6.28
N PHE A 205 -0.44 13.79 6.20
CA PHE A 205 0.39 13.08 7.23
CA PHE A 205 0.39 13.08 7.23
CA PHE A 205 0.47 13.19 7.24
CA PHE A 205 0.47 13.16 7.20
C PHE A 205 0.06 13.65 8.61
C PHE A 205 0.06 13.65 8.61
C PHE A 205 0.10 13.66 8.64
C PHE A 205 0.11 13.66 8.61
N THR A 206 0.01 14.97 8.78
CA THR A 206 -0.31 15.55 10.09
C THR A 206 -1.63 15.00 10.63
N GLU A 207 -2.57 14.87 9.73
CA GLU A 207 -3.96 14.50 10.09
C GLU A 207 -4.07 13.02 10.41
N ASP A 208 -3.08 12.17 10.04
N ASP A 208 -3.05 12.26 10.13
N ASP A 208 -3.08 12.17 10.02
N ASP A 208 -3.09 12.20 10.02
CA ASP A 208 -3.06 10.70 10.32
CA ASP A 208 -3.15 10.85 10.47
CA ASP A 208 -3.01 10.72 10.33
CA ASP A 208 -3.09 10.76 10.37
C ASP A 208 -2.20 10.40 11.57
C ASP A 208 -2.19 10.59 11.61
C ASP A 208 -2.16 10.48 11.60
C ASP A 208 -2.17 10.56 11.58
N SER A 209 -2.75 10.55 12.79
CA SER A 209 -1.98 10.41 14.04
C SER A 209 -1.41 9.00 14.23
N THR A 210 -1.90 8.04 13.45
CA THR A 210 -1.52 6.61 13.62
C THR A 210 -0.26 6.26 12.87
N ILE A 211 0.21 7.11 11.95
N ILE A 211 0.21 7.11 11.95
N ILE A 211 0.17 7.08 11.89
N ILE A 211 0.16 7.07 11.89
CA ILE A 211 1.38 6.75 11.11
CA ILE A 211 1.38 6.75 11.11
CA ILE A 211 1.36 6.82 11.05
CA ILE A 211 1.36 6.81 11.04
C ILE A 211 2.53 7.69 11.44
C ILE A 211 2.53 7.69 11.44
C ILE A 211 2.52 7.71 11.52
C ILE A 211 2.51 7.71 11.50
N ASP A 212 3.61 7.11 11.97
CA ASP A 212 4.78 7.87 12.44
C ASP A 212 5.82 8.06 11.37
N GLY A 213 5.58 7.52 10.19
CA GLY A 213 6.49 7.62 9.06
C GLY A 213 6.31 6.45 8.15
N LEU A 214 7.12 6.39 7.08
N LEU A 214 7.12 6.39 7.08
N LEU A 214 7.26 6.32 7.24
N LEU A 214 7.23 6.36 7.19
CA LEU A 214 7.07 5.31 6.07
CA LEU A 214 7.07 5.31 6.07
CA LEU A 214 7.22 5.38 6.12
CA LEU A 214 7.18 5.37 6.09
C LEU A 214 8.41 4.57 6.04
C LEU A 214 8.41 4.58 6.03
C LEU A 214 8.46 4.52 6.15
C LEU A 214 8.45 4.54 6.14
N LEU A 215 8.35 3.29 5.72
CA LEU A 215 9.52 2.46 5.48
C LEU A 215 9.40 1.94 4.07
N GLY A 216 10.20 2.49 3.17
CA GLY A 216 10.11 2.13 1.75
C GLY A 216 10.80 0.80 1.45
N LEU A 217 10.14 0.04 0.60
CA LEU A 217 10.58 -1.31 0.21
C LEU A 217 10.59 -1.50 -1.30
N ALA A 218 10.50 -0.43 -2.06
CA ALA A 218 10.77 -0.51 -3.52
C ALA A 218 12.27 -0.48 -3.71
N PHE A 219 12.72 -0.36 -4.95
CA PHE A 219 14.17 -0.48 -5.23
C PHE A 219 14.85 0.83 -4.83
N SER A 220 16.11 0.69 -4.43
CA SER A 220 16.83 1.86 -3.88
C SER A 220 17.11 2.96 -4.90
N THR A 221 16.99 2.66 -6.19
CA THR A 221 17.06 3.66 -7.27
C THR A 221 16.02 4.74 -7.13
N LEU A 222 14.92 4.51 -6.38
CA LEU A 222 13.94 5.58 -6.15
C LEU A 222 14.21 6.42 -4.91
N ASN A 223 15.21 6.09 -4.10
CA ASN A 223 15.45 6.82 -2.87
C ASN A 223 15.73 8.29 -3.17
N THR A 224 15.19 9.19 -2.42
CA THR A 224 15.28 10.62 -2.77
C THR A 224 16.42 11.32 -2.07
N VAL A 225 17.25 10.68 -1.28
CA VAL A 225 18.31 11.42 -0.58
C VAL A 225 19.34 11.95 -1.57
N SER A 226 19.69 13.21 -1.39
CA SER A 226 20.66 13.97 -2.20
C SER A 226 21.69 14.53 -1.25
N PRO A 227 22.98 14.62 -1.66
CA PRO A 227 23.50 14.26 -2.97
C PRO A 227 23.93 12.81 -3.10
N THR A 228 23.81 12.02 -2.03
CA THR A 228 24.24 10.62 -1.99
C THR A 228 22.99 9.77 -1.76
N GLN A 229 22.50 9.10 -2.76
CA GLN A 229 21.32 8.25 -2.63
C GLN A 229 21.59 7.18 -1.60
N GLN A 230 20.55 6.84 -0.83
CA GLN A 230 20.65 5.84 0.25
C GLN A 230 19.89 4.57 -0.09
N LYS A 231 20.29 3.50 0.59
CA LYS A 231 19.63 2.20 0.45
C LYS A 231 18.46 1.99 1.38
N THR A 232 17.49 1.21 0.89
CA THR A 232 16.37 0.80 1.75
C THR A 232 16.84 -0.14 2.87
N PHE A 233 15.96 -0.29 3.84
CA PHE A 233 16.19 -1.24 4.94
C PHE A 233 16.39 -2.66 4.35
N PHE A 234 15.59 -3.03 3.37
CA PHE A 234 15.73 -4.37 2.76
C PHE A 234 17.05 -4.51 2.04
N ASP A 235 17.42 -3.50 1.27
N ASP A 235 17.46 -3.53 1.26
CA ASP A 235 18.67 -3.52 0.50
CA ASP A 235 18.78 -3.68 0.60
C ASP A 235 19.85 -3.60 1.48
C ASP A 235 19.86 -3.78 1.65
N ASN A 236 19.85 -2.93 2.64
CA ASN A 236 20.90 -3.02 3.64
C ASN A 236 20.85 -4.37 4.35
N ALA A 237 19.70 -4.95 4.61
CA ALA A 237 19.58 -6.23 5.32
C ALA A 237 19.98 -7.42 4.48
N LYS A 238 19.86 -7.31 3.15
N LYS A 238 19.89 -7.29 3.17
N LYS A 238 19.86 -7.31 3.15
N LYS A 238 19.89 -7.29 3.17
CA LYS A 238 20.15 -8.44 2.23
CA LYS A 238 20.05 -8.45 2.25
CA LYS A 238 20.15 -8.44 2.23
CA LYS A 238 20.05 -8.44 2.24
C LYS A 238 21.43 -9.16 2.64
C LYS A 238 21.43 -9.12 2.51
C LYS A 238 21.43 -9.16 2.63
C LYS A 238 21.44 -9.12 2.49
N ALA A 239 22.46 -8.36 2.97
CA ALA A 239 23.85 -8.81 3.29
C ALA A 239 23.86 -9.81 4.45
N SER A 240 22.70 -10.16 4.98
CA SER A 240 22.58 -10.89 6.26
C SER A 240 21.45 -11.88 6.23
N LEU A 241 20.46 -11.76 5.34
CA LEU A 241 19.26 -12.58 5.42
C LEU A 241 19.51 -14.01 5.02
N ASP A 242 18.78 -14.91 5.56
CA ASP A 242 18.92 -16.33 5.17
C ASP A 242 18.58 -16.51 3.70
N SER A 243 17.62 -15.75 3.16
N SER A 243 17.56 -15.79 3.24
N SER A 243 17.61 -15.76 3.17
N SER A 243 17.56 -15.79 3.24
CA SER A 243 17.17 -15.77 1.75
CA SER A 243 17.20 -15.68 1.81
CA SER A 243 17.16 -15.77 1.76
CA SER A 243 17.21 -15.67 1.81
C SER A 243 16.84 -14.33 1.42
C SER A 243 16.95 -14.21 1.49
C SER A 243 16.83 -14.32 1.43
C SER A 243 16.95 -14.21 1.48
N PRO A 244 17.17 -13.80 0.23
CA PRO A 244 17.03 -12.38 -0.07
C PRO A 244 15.60 -12.00 -0.45
N VAL A 245 14.69 -12.15 0.51
CA VAL A 245 13.26 -12.03 0.27
C VAL A 245 12.62 -11.30 1.42
N PHE A 246 11.46 -10.71 1.16
CA PHE A 246 10.53 -10.39 2.25
C PHE A 246 9.15 -10.74 1.76
N THR A 247 8.22 -10.96 2.68
CA THR A 247 6.86 -11.35 2.33
C THR A 247 5.88 -10.42 3.03
N ALA A 248 4.80 -10.15 2.33
CA ALA A 248 3.67 -9.37 2.81
C ALA A 248 2.48 -10.25 2.93
N ASP A 249 1.89 -10.30 4.12
CA ASP A 249 0.72 -11.10 4.42
C ASP A 249 -0.26 -10.21 5.12
N LEU A 250 -0.96 -9.37 4.36
CA LEU A 250 -1.82 -8.34 4.94
C LEU A 250 -3.17 -8.96 5.27
N GLY A 251 -3.75 -8.53 6.39
CA GLY A 251 -5.05 -9.02 6.83
C GLY A 251 -6.19 -8.20 6.30
N TYR A 252 -7.34 -8.81 6.16
CA TYR A 252 -8.61 -8.14 5.89
C TYR A 252 -9.25 -7.86 7.24
N HIS A 253 -9.32 -6.58 7.58
N HIS A 253 -9.31 -6.58 7.58
N HIS A 253 -9.31 -6.60 7.61
N HIS A 253 -9.32 -6.58 7.63
CA HIS A 253 -9.85 -6.12 8.87
CA HIS A 253 -9.85 -6.12 8.87
CA HIS A 253 -9.91 -6.17 8.90
CA HIS A 253 -9.91 -6.17 8.93
C HIS A 253 -9.23 -7.00 9.99
C HIS A 253 -9.23 -7.00 9.99
C HIS A 253 -9.18 -6.75 10.09
C HIS A 253 -9.18 -6.82 10.10
N ALA A 254 -7.91 -7.16 9.94
CA ALA A 254 -7.19 -7.98 10.92
C ALA A 254 -5.72 -7.71 10.74
N PRO A 255 -4.91 -8.02 11.76
CA PRO A 255 -3.47 -7.94 11.62
C PRO A 255 -2.94 -8.99 10.65
N GLY A 256 -1.74 -8.73 10.19
CA GLY A 256 -1.00 -9.62 9.31
C GLY A 256 0.45 -9.55 9.64
N THR A 257 1.33 -9.93 8.70
CA THR A 257 2.72 -10.11 8.98
C THR A 257 3.60 -9.65 7.83
N TYR A 258 4.71 -9.02 8.14
CA TYR A 258 5.85 -8.84 7.24
C TYR A 258 6.97 -9.71 7.75
N ASN A 259 7.47 -10.58 6.90
CA ASN A 259 8.63 -11.41 7.24
C ASN A 259 9.80 -11.04 6.35
N PHE A 260 11.00 -11.09 6.88
CA PHE A 260 12.23 -10.82 6.14
C PHE A 260 13.13 -12.02 6.23
N GLY A 261 13.57 -12.53 5.10
CA GLY A 261 14.60 -13.57 5.05
C GLY A 261 14.10 -14.94 5.00
N PHE A 262 12.81 -15.21 4.99
CA PHE A 262 12.31 -16.57 4.94
C PHE A 262 10.89 -16.52 4.44
N ILE A 263 10.44 -17.65 3.92
N ILE A 263 10.48 -17.65 3.84
N ILE A 263 10.44 -17.65 3.93
N ILE A 263 10.48 -17.63 3.82
CA ILE A 263 9.06 -17.82 3.42
CA ILE A 263 9.06 -18.01 3.53
CA ILE A 263 9.06 -17.82 3.42
CA ILE A 263 9.06 -17.99 3.51
C ILE A 263 8.36 -18.80 4.36
C ILE A 263 8.45 -18.83 4.66
C ILE A 263 8.35 -18.81 4.36
C ILE A 263 8.46 -18.81 4.64
N ASP A 264 7.34 -18.33 5.13
CA ASP A 264 6.58 -19.15 6.08
C ASP A 264 5.62 -20.02 5.30
N THR A 265 5.98 -21.31 5.18
CA THR A 265 5.18 -22.23 4.36
C THR A 265 3.88 -22.55 5.07
N THR A 266 3.65 -22.15 6.30
CA THR A 266 2.36 -22.34 7.00
C THR A 266 1.38 -21.21 6.70
N ALA A 267 1.84 -20.13 6.04
CA ALA A 267 1.06 -18.89 5.96
C ALA A 267 0.23 -18.87 4.68
N TYR A 268 0.31 -19.85 3.80
CA TYR A 268 -0.44 -19.84 2.55
C TYR A 268 -0.91 -21.23 2.23
N THR A 269 -1.83 -21.34 1.32
CA THR A 269 -2.39 -22.60 0.83
C THR A 269 -1.90 -22.85 -0.57
N GLY A 270 -1.83 -24.10 -1.00
CA GLY A 270 -1.39 -24.41 -2.36
C GLY A 270 0.05 -24.04 -2.57
N SER A 271 0.38 -23.63 -3.79
N SER A 271 0.37 -23.64 -3.80
N SER A 271 0.38 -23.63 -3.79
N SER A 271 0.36 -23.66 -3.81
CA SER A 271 1.76 -23.28 -4.16
CA SER A 271 1.72 -23.27 -4.25
CA SER A 271 1.76 -23.28 -4.16
CA SER A 271 1.72 -23.30 -4.29
C SER A 271 1.87 -21.79 -4.49
C SER A 271 1.85 -21.76 -4.39
C SER A 271 1.87 -21.78 -4.47
C SER A 271 1.85 -21.78 -4.40
N ILE A 272 3.09 -21.30 -4.47
CA ILE A 272 3.39 -19.91 -4.80
C ILE A 272 3.67 -19.88 -6.29
N THR A 273 3.03 -18.97 -7.01
CA THR A 273 3.32 -18.72 -8.43
C THR A 273 4.17 -17.51 -8.57
N TYR A 274 5.35 -17.66 -9.11
CA TYR A 274 6.28 -16.54 -9.32
C TYR A 274 6.15 -15.95 -10.68
N THR A 275 6.37 -14.67 -10.81
CA THR A 275 6.21 -13.91 -12.07
C THR A 275 7.34 -12.90 -12.15
N ALA A 276 7.72 -12.56 -13.37
CA ALA A 276 8.85 -11.67 -13.61
C ALA A 276 8.57 -10.25 -13.15
N VAL A 277 9.64 -9.59 -12.75
CA VAL A 277 9.61 -8.19 -12.30
C VAL A 277 10.49 -7.37 -13.21
N SER A 278 10.03 -6.23 -13.60
CA SER A 278 10.86 -5.18 -14.20
C SER A 278 11.21 -4.18 -13.10
N THR A 279 12.48 -3.84 -12.97
CA THR A 279 12.94 -2.80 -12.04
C THR A 279 13.21 -1.47 -12.78
N LYS A 280 12.79 -1.39 -14.04
CA LYS A 280 13.11 -0.20 -14.87
C LYS A 280 12.59 1.09 -14.27
N GLN A 281 11.44 1.09 -13.61
CA GLN A 281 10.89 2.31 -13.01
C GLN A 281 11.16 2.33 -11.50
N GLY A 282 11.88 1.37 -10.98
CA GLY A 282 12.19 1.32 -9.53
C GLY A 282 11.13 0.63 -8.69
N PHE A 283 10.10 0.08 -9.30
CA PHE A 283 8.98 -0.54 -8.58
C PHE A 283 9.04 -2.03 -8.73
N TRP A 284 8.24 -2.73 -7.92
CA TRP A 284 7.96 -4.16 -8.08
C TRP A 284 6.89 -4.26 -9.15
N GLU A 285 7.33 -4.11 -10.42
CA GLU A 285 6.43 -4.01 -11.59
C GLU A 285 6.35 -5.36 -12.26
N TRP A 286 5.17 -5.81 -12.54
CA TRP A 286 4.90 -7.16 -13.06
C TRP A 286 3.75 -7.08 -14.02
N THR A 287 3.41 -8.17 -14.66
CA THR A 287 2.30 -8.23 -15.64
C THR A 287 1.32 -9.30 -15.23
N SER A 288 0.12 -8.91 -14.84
CA SER A 288 -0.94 -9.86 -14.60
C SER A 288 -1.43 -10.42 -15.92
N THR A 289 -1.92 -11.62 -15.89
CA THR A 289 -2.38 -12.35 -17.08
C THR A 289 -3.86 -12.16 -17.37
N GLY A 290 -4.61 -11.47 -16.54
CA GLY A 290 -6.00 -11.15 -16.88
C GLY A 290 -6.88 -11.07 -15.67
N TYR A 291 -8.18 -11.12 -15.88
CA TYR A 291 -9.09 -10.90 -14.79
C TYR A 291 -10.41 -11.55 -15.05
N ALA A 292 -11.17 -11.73 -14.00
CA ALA A 292 -12.58 -12.10 -14.11
C ALA A 292 -13.37 -11.30 -13.10
N VAL A 293 -14.65 -11.10 -13.40
CA VAL A 293 -15.59 -10.40 -12.50
C VAL A 293 -16.56 -11.41 -11.96
N GLY A 294 -16.63 -11.57 -10.67
CA GLY A 294 -17.55 -12.54 -10.08
C GLY A 294 -17.32 -13.92 -10.64
N SER A 295 -18.41 -14.57 -11.01
N SER A 295 -18.42 -14.55 -11.04
N SER A 295 -18.40 -14.58 -11.01
N SER A 295 -18.41 -14.56 -11.04
CA SER A 295 -18.40 -15.93 -11.57
CA SER A 295 -18.46 -15.92 -11.60
CA SER A 295 -18.35 -15.95 -11.57
CA SER A 295 -18.45 -15.93 -11.59
C SER A 295 -18.23 -15.89 -13.08
C SER A 295 -18.07 -15.93 -13.08
C SER A 295 -18.23 -15.89 -13.10
C SER A 295 -18.07 -15.93 -13.08
N GLY A 296 -17.90 -14.74 -13.67
CA GLY A 296 -17.71 -14.61 -15.11
C GLY A 296 -16.49 -15.29 -15.65
N THR A 297 -16.43 -15.37 -16.97
CA THR A 297 -15.30 -15.97 -17.68
C THR A 297 -14.05 -15.14 -17.45
N PHE A 298 -12.95 -15.79 -17.41
CA PHE A 298 -11.65 -15.12 -17.27
C PHE A 298 -11.24 -14.50 -18.58
N LYS A 299 -10.86 -13.26 -18.60
CA LYS A 299 -10.39 -12.52 -19.76
C LYS A 299 -8.87 -12.53 -19.73
N SER A 300 -8.27 -13.17 -20.69
CA SER A 300 -6.82 -13.21 -20.85
C SER A 300 -6.33 -11.93 -21.43
N THR A 301 -5.56 -11.13 -20.71
CA THR A 301 -5.12 -9.84 -21.18
C THR A 301 -3.96 -9.42 -20.30
N SER A 302 -2.93 -8.87 -20.84
CA SER A 302 -1.75 -8.43 -20.05
C SER A 302 -2.03 -7.14 -19.35
N ILE A 303 -1.83 -7.06 -18.05
CA ILE A 303 -2.03 -5.80 -17.28
C ILE A 303 -0.75 -5.54 -16.53
N ASP A 304 0.06 -4.66 -17.03
N ASP A 304 0.00 -4.56 -16.95
N ASP A 304 0.06 -4.66 -17.04
N ASP A 304 0.00 -4.56 -16.95
CA ASP A 304 1.27 -4.23 -16.31
CA ASP A 304 1.28 -4.21 -16.30
CA ASP A 304 1.27 -4.23 -16.31
CA ASP A 304 1.28 -4.21 -16.30
C ASP A 304 0.81 -3.48 -15.06
C ASP A 304 1.01 -3.27 -15.12
C ASP A 304 0.81 -3.48 -15.06
C ASP A 304 1.02 -3.27 -15.12
N GLY A 305 1.50 -3.63 -13.94
CA GLY A 305 1.24 -2.81 -12.77
C GLY A 305 2.26 -3.05 -11.70
N ILE A 306 2.09 -2.36 -10.59
CA ILE A 306 3.04 -2.47 -9.48
C ILE A 306 2.38 -3.09 -8.26
N ALA A 307 3.15 -3.82 -7.49
CA ALA A 307 2.69 -4.35 -6.19
C ALA A 307 3.04 -3.31 -5.15
N ASP A 308 2.03 -2.62 -4.58
CA ASP A 308 2.25 -1.43 -3.76
C ASP A 308 1.51 -1.49 -2.44
N THR A 309 2.19 -1.92 -1.39
CA THR A 309 1.56 -2.03 -0.08
C THR A 309 1.15 -0.69 0.50
N GLY A 310 1.72 0.39 -0.01
N GLY A 310 1.72 0.39 -0.01
N GLY A 310 1.72 0.39 -0.01
N GLY A 310 1.73 0.39 -0.02
CA GLY A 310 1.44 1.74 0.46
CA GLY A 310 1.44 1.74 0.46
CA GLY A 310 1.45 1.75 0.47
CA GLY A 310 1.48 1.76 0.43
C GLY A 310 0.26 2.39 -0.23
C GLY A 310 0.26 2.39 -0.22
C GLY A 310 0.25 2.40 -0.22
C GLY A 310 0.23 2.38 -0.17
N THR A 311 -0.42 1.70 -1.13
CA THR A 311 -1.64 2.21 -1.77
C THR A 311 -2.80 1.39 -1.28
N THR A 312 -3.90 2.03 -0.89
N THR A 312 -3.90 2.03 -0.89
N THR A 312 -3.89 2.07 -0.95
N THR A 312 -3.89 2.07 -0.93
CA THR A 312 -5.03 1.27 -0.31
CA THR A 312 -5.03 1.27 -0.31
CA THR A 312 -5.04 1.43 -0.29
CA THR A 312 -5.06 1.43 -0.28
C THR A 312 -5.73 0.43 -1.37
C THR A 312 -5.73 0.43 -1.37
C THR A 312 -5.79 0.48 -1.24
C THR A 312 -5.80 0.53 -1.27
N LEU A 313 -6.04 1.05 -2.51
N LEU A 313 -6.04 1.05 -2.51
N LEU A 313 -6.03 1.00 -2.46
N LEU A 313 -6.04 1.04 -2.48
CA LEU A 313 -6.99 0.44 -3.45
CA LEU A 313 -6.99 0.44 -3.45
CA LEU A 313 -7.00 0.50 -3.47
CA LEU A 313 -7.02 0.51 -3.46
C LEU A 313 -6.31 -0.21 -4.66
C LEU A 313 -6.31 -0.21 -4.66
C LEU A 313 -6.32 -0.29 -4.60
C LEU A 313 -6.33 -0.27 -4.59
N LEU A 314 -7.15 -0.85 -5.47
CA LEU A 314 -6.72 -1.52 -6.70
C LEU A 314 -7.05 -0.60 -7.86
N TYR A 315 -6.04 -0.11 -8.56
CA TYR A 315 -6.22 0.81 -9.70
C TYR A 315 -5.88 0.08 -10.99
N LEU A 316 -6.86 -0.05 -11.88
CA LEU A 316 -6.73 -0.84 -13.10
C LEU A 316 -7.24 -0.04 -14.28
N PRO A 317 -7.02 -0.53 -15.51
CA PRO A 317 -7.46 0.23 -16.68
C PRO A 317 -8.95 0.45 -16.67
N ALA A 318 -9.39 1.52 -17.30
CA ALA A 318 -10.78 1.92 -17.29
C ALA A 318 -11.68 0.84 -17.86
N THR A 319 -11.23 0.14 -18.85
CA THR A 319 -12.03 -0.95 -19.45
C THR A 319 -12.37 -2.01 -18.38
N VAL A 320 -11.34 -2.40 -17.62
CA VAL A 320 -11.48 -3.48 -16.61
C VAL A 320 -12.40 -3.00 -15.52
N VAL A 321 -12.19 -1.78 -15.06
CA VAL A 321 -12.95 -1.23 -13.94
C VAL A 321 -14.41 -1.04 -14.33
N SER A 322 -14.67 -0.58 -15.57
CA SER A 322 -16.05 -0.46 -16.05
C SER A 322 -16.72 -1.82 -16.08
N ALA A 323 -16.03 -2.82 -16.55
CA ALA A 323 -16.58 -4.17 -16.59
C ALA A 323 -16.94 -4.66 -15.21
N TYR A 324 -16.14 -4.36 -14.20
CA TYR A 324 -16.47 -4.75 -12.82
C TYR A 324 -17.71 -4.04 -12.33
N TRP A 325 -17.74 -2.72 -12.39
CA TRP A 325 -18.83 -1.96 -11.76
C TRP A 325 -20.13 -2.08 -12.54
N ALA A 326 -20.07 -2.49 -13.80
CA ALA A 326 -21.29 -2.77 -14.57
C ALA A 326 -22.07 -3.92 -13.95
N GLN A 327 -21.43 -4.74 -13.13
CA GLN A 327 -22.12 -5.88 -12.47
C GLN A 327 -22.70 -5.47 -11.16
N VAL A 328 -22.73 -4.20 -10.77
CA VAL A 328 -23.27 -3.75 -9.49
C VAL A 328 -24.36 -2.73 -9.83
N SER A 329 -25.62 -3.06 -9.52
N SER A 329 -25.62 -3.08 -9.53
N SER A 329 -25.61 -3.08 -9.51
N SER A 329 -25.62 -3.08 -9.51
CA SER A 329 -26.75 -2.19 -9.88
CA SER A 329 -26.76 -2.20 -9.87
CA SER A 329 -26.81 -2.22 -9.75
CA SER A 329 -26.81 -2.23 -9.74
C SER A 329 -26.60 -0.87 -9.12
C SER A 329 -26.60 -0.88 -9.12
C SER A 329 -26.60 -0.87 -9.09
C SER A 329 -26.60 -0.87 -9.09
N GLY A 330 -26.67 0.21 -9.86
CA GLY A 330 -26.61 1.54 -9.32
C GLY A 330 -25.20 2.05 -9.18
N ALA A 331 -24.17 1.28 -9.51
CA ALA A 331 -22.80 1.82 -9.42
C ALA A 331 -22.53 2.82 -10.51
N LYS A 332 -21.73 3.82 -10.23
CA LYS A 332 -21.43 4.84 -11.21
C LYS A 332 -20.15 5.50 -10.81
N SER A 333 -19.43 6.04 -11.80
N SER A 333 -19.43 6.07 -11.79
N SER A 333 -19.59 6.20 -11.78
N SER A 333 -19.52 6.13 -11.80
CA SER A 333 -18.28 6.92 -11.50
CA SER A 333 -18.27 6.94 -11.48
CA SER A 333 -18.38 7.00 -11.59
CA SER A 333 -18.36 7.01 -11.62
C SER A 333 -18.78 8.32 -11.29
C SER A 333 -18.78 8.35 -11.24
C SER A 333 -18.85 8.40 -11.14
C SER A 333 -18.84 8.39 -11.15
N SER A 334 -18.54 8.82 -10.10
N SER A 334 -18.58 8.82 -10.03
N SER A 334 -18.19 8.97 -10.15
N SER A 334 -18.26 8.92 -10.09
CA SER A 334 -18.93 10.17 -9.68
CA SER A 334 -19.05 10.14 -9.58
CA SER A 334 -18.50 10.31 -9.58
CA SER A 334 -18.65 10.20 -9.45
C SER A 334 -17.69 11.07 -9.73
C SER A 334 -17.90 11.12 -9.79
C SER A 334 -17.24 11.17 -9.51
C SER A 334 -17.49 11.20 -9.56
N SER A 335 -17.62 11.93 -10.74
N SER A 335 -18.14 12.17 -10.56
N SER A 335 -17.16 12.24 -10.31
N SER A 335 -17.78 12.38 -10.11
CA SER A 335 -16.58 12.98 -10.85
CA SER A 335 -17.14 13.24 -10.75
CA SER A 335 -16.07 13.26 -10.27
CA SER A 335 -16.82 13.52 -10.24
C SER A 335 -16.51 13.78 -9.54
C SER A 335 -17.03 14.05 -9.44
C SER A 335 -15.97 13.93 -8.88
C SER A 335 -16.66 14.25 -8.91
N SER A 336 -17.65 14.05 -8.90
N SER A 336 -18.11 14.13 -8.66
N SER A 336 -17.10 14.28 -8.27
N SER A 336 -17.72 14.36 -8.10
CA SER A 336 -17.75 14.86 -7.66
CA SER A 336 -18.13 14.91 -7.39
CA SER A 336 -17.13 15.06 -7.00
CA SER A 336 -17.63 15.01 -6.77
C SER A 336 -17.07 14.13 -6.48
C SER A 336 -17.37 14.17 -6.28
C SER A 336 -16.67 14.19 -5.83
C SER A 336 -16.73 14.16 -5.87
N VAL A 337 -17.30 12.81 -6.34
N VAL A 337 -17.33 12.84 -6.32
N VAL A 337 -16.90 12.88 -5.87
N VAL A 337 -17.08 12.88 -5.70
CA VAL A 337 -16.67 12.05 -5.24
CA VAL A 337 -16.67 12.05 -5.23
CA VAL A 337 -16.39 11.98 -4.80
CA VAL A 337 -16.50 11.98 -4.66
C VAL A 337 -15.24 11.66 -5.62
C VAL A 337 -15.24 11.68 -5.63
C VAL A 337 -14.96 11.58 -5.13
C VAL A 337 -15.04 11.67 -4.99
N GLY A 338 -14.96 11.50 -6.91
N GLY A 338 -14.97 11.49 -6.91
N GLY A 338 -14.64 11.43 -6.42
N GLY A 338 -14.73 11.40 -6.27
CA GLY A 338 -13.62 11.12 -7.40
CA GLY A 338 -13.63 11.12 -7.40
CA GLY A 338 -13.29 11.04 -6.83
CA GLY A 338 -13.36 11.10 -6.71
C GLY A 338 -13.42 9.61 -7.56
C GLY A 338 -13.43 9.62 -7.54
C GLY A 338 -13.22 9.65 -7.44
C GLY A 338 -13.18 9.68 -7.22
N GLY A 339 -14.45 8.95 -8.09
N GLY A 339 -14.45 8.95 -8.09
N GLY A 339 -14.32 8.93 -7.54
N GLY A 339 -14.26 8.97 -7.51
CA GLY A 339 -14.35 7.58 -8.58
CA GLY A 339 -14.35 7.58 -8.58
CA GLY A 339 -14.18 7.57 -8.03
CA GLY A 339 -14.15 7.61 -8.06
C GLY A 339 -15.67 6.86 -8.52
C GLY A 339 -15.67 6.86 -8.52
C GLY A 339 -15.52 6.95 -8.14
C GLY A 339 -15.50 6.94 -8.14
N TYR A 340 -15.62 5.56 -8.69
N TYR A 340 -15.62 5.56 -8.69
N TYR A 340 -15.49 5.67 -8.38
N TYR A 340 -15.48 5.65 -8.41
CA TYR A 340 -16.81 4.72 -8.61
CA TYR A 340 -16.82 4.73 -8.60
CA TYR A 340 -16.67 4.80 -8.42
CA TYR A 340 -16.67 4.77 -8.46
C TYR A 340 -17.33 4.62 -7.16
C TYR A 340 -17.32 4.63 -7.16
C TYR A 340 -17.30 4.71 -7.03
C TYR A 340 -17.30 4.69 -7.07
N VAL A 341 -18.63 4.82 -7.07
CA VAL A 341 -19.46 4.66 -5.87
C VAL A 341 -20.53 3.68 -6.20
N PHE A 342 -21.15 3.13 -5.17
CA PHE A 342 -22.18 2.11 -5.36
C PHE A 342 -23.14 2.19 -4.20
N PRO A 343 -24.36 1.68 -4.36
CA PRO A 343 -25.30 1.71 -3.24
C PRO A 343 -24.81 0.85 -2.11
N CYS A 344 -24.89 1.40 -0.89
CA CYS A 344 -24.44 0.62 0.26
C CYS A 344 -25.29 -0.64 0.46
N SER A 345 -26.43 -0.73 -0.13
CA SER A 345 -27.25 -1.95 -0.05
C SER A 345 -26.76 -3.05 -0.95
N ALA A 346 -25.78 -2.82 -1.80
CA ALA A 346 -25.33 -3.83 -2.77
C ALA A 346 -24.54 -4.91 -2.09
N THR A 347 -24.57 -6.08 -2.71
CA THR A 347 -23.60 -7.17 -2.49
C THR A 347 -22.61 -7.13 -3.65
N LEU A 348 -21.33 -6.97 -3.39
CA LEU A 348 -20.33 -6.82 -4.45
C LEU A 348 -19.87 -8.17 -4.94
N PRO A 349 -19.63 -8.31 -6.23
CA PRO A 349 -18.97 -9.50 -6.77
C PRO A 349 -17.50 -9.53 -6.42
N SER A 350 -16.93 -10.73 -6.44
CA SER A 350 -15.51 -10.88 -6.33
C SER A 350 -14.80 -10.36 -7.59
N PHE A 351 -13.50 -10.23 -7.50
CA PHE A 351 -12.64 -9.87 -8.62
C PHE A 351 -11.46 -10.79 -8.62
N THR A 352 -11.18 -11.44 -9.74
CA THR A 352 -10.06 -12.36 -9.85
C THR A 352 -8.98 -11.71 -10.70
N PHE A 353 -7.72 -11.80 -10.32
CA PHE A 353 -6.63 -11.43 -11.20
C PHE A 353 -5.69 -12.59 -11.43
N GLY A 354 -5.10 -12.64 -12.62
CA GLY A 354 -4.16 -13.71 -12.98
C GLY A 354 -2.76 -13.42 -12.60
N VAL A 355 -2.07 -14.48 -12.15
CA VAL A 355 -0.63 -14.49 -11.93
C VAL A 355 -0.13 -15.71 -12.68
N GLY A 356 0.45 -15.51 -13.85
CA GLY A 356 0.71 -16.67 -14.72
C GLY A 356 -0.56 -17.43 -14.92
N SER A 357 -0.52 -18.76 -14.78
N SER A 357 -0.49 -18.75 -14.74
N SER A 357 -0.54 -18.78 -14.79
N SER A 357 -0.49 -18.75 -14.74
CA SER A 357 -1.70 -19.63 -14.90
CA SER A 357 -1.65 -19.65 -14.88
CA SER A 357 -1.75 -19.63 -14.89
CA SER A 357 -1.65 -19.65 -14.88
C SER A 357 -2.51 -19.69 -13.60
C SER A 357 -2.49 -19.72 -13.60
C SER A 357 -2.53 -19.69 -13.58
C SER A 357 -2.49 -19.72 -13.60
N ALA A 358 -2.04 -19.05 -12.53
CA ALA A 358 -2.74 -19.05 -11.24
C ALA A 358 -3.74 -17.88 -11.18
N ARG A 359 -4.58 -17.94 -10.21
CA ARG A 359 -5.68 -16.94 -10.05
C ARG A 359 -5.74 -16.55 -8.59
N ILE A 360 -5.84 -15.26 -8.29
CA ILE A 360 -6.07 -14.75 -6.94
C ILE A 360 -7.46 -14.14 -6.94
N VAL A 361 -8.28 -14.57 -6.03
CA VAL A 361 -9.65 -14.06 -5.91
C VAL A 361 -9.77 -13.08 -4.77
N ILE A 362 -10.20 -11.86 -5.08
CA ILE A 362 -10.48 -10.82 -4.11
C ILE A 362 -11.95 -10.93 -3.78
N PRO A 363 -12.35 -11.30 -2.56
CA PRO A 363 -13.78 -11.36 -2.22
C PRO A 363 -14.41 -10.00 -2.39
N GLY A 364 -15.71 -10.02 -2.70
CA GLY A 364 -16.46 -8.77 -2.89
C GLY A 364 -16.39 -7.87 -1.67
N ASP A 365 -16.41 -8.45 -0.47
N ASP A 365 -16.43 -8.43 -0.47
N ASP A 365 -16.40 -8.45 -0.47
N ASP A 365 -16.38 -8.38 -0.44
CA ASP A 365 -16.36 -7.64 0.76
CA ASP A 365 -16.43 -7.50 0.67
CA ASP A 365 -16.34 -7.64 0.77
CA ASP A 365 -16.40 -7.45 0.72
C ASP A 365 -15.09 -6.79 0.84
C ASP A 365 -15.13 -6.71 0.76
C ASP A 365 -15.08 -6.78 0.83
C ASP A 365 -15.03 -6.76 0.91
N TYR A 366 -14.01 -7.24 0.24
CA TYR A 366 -12.74 -6.49 0.27
C TYR A 366 -12.87 -5.20 -0.54
N ILE A 367 -13.82 -5.11 -1.43
CA ILE A 367 -13.94 -3.99 -2.39
C ILE A 367 -14.88 -2.93 -1.82
N ASP A 368 -15.32 -3.12 -0.57
N ASP A 368 -15.32 -3.12 -0.57
N ASP A 368 -15.69 -3.22 -0.81
N ASP A 368 -15.63 -3.22 -0.76
CA ASP A 368 -16.21 -2.14 0.09
CA ASP A 368 -16.21 -2.14 0.09
CA ASP A 368 -16.63 -2.20 -0.24
CA ASP A 368 -16.58 -2.24 -0.18
C ASP A 368 -15.39 -1.22 0.99
C ASP A 368 -15.39 -1.22 0.99
C ASP A 368 -15.90 -1.35 0.78
C ASP A 368 -15.84 -1.37 0.84
N PHE A 369 -15.36 0.07 0.64
N PHE A 369 -15.36 0.06 0.63
N PHE A 369 -15.65 -0.08 0.48
N PHE A 369 -15.64 -0.08 0.55
CA PHE A 369 -14.68 1.10 1.43
CA PHE A 369 -14.68 1.10 1.43
CA PHE A 369 -14.96 0.83 1.45
CA PHE A 369 -14.93 0.84 1.48
C PHE A 369 -15.68 2.04 2.09
C PHE A 369 -15.68 2.04 2.09
C PHE A 369 -15.94 1.71 2.26
C PHE A 369 -15.93 1.72 2.25
N GLY A 370 -16.90 1.58 2.29
N GLY A 370 -16.91 1.58 2.29
N GLY A 370 -17.23 1.39 2.17
N GLY A 370 -17.21 1.40 2.17
CA GLY A 370 -17.87 2.21 3.18
CA GLY A 370 -17.87 2.21 3.18
CA GLY A 370 -18.24 1.90 3.10
CA GLY A 370 -18.24 1.92 3.08
C GLY A 370 -18.40 3.52 2.64
C GLY A 370 -18.40 3.52 2.64
C GLY A 370 -18.65 3.31 2.72
C GLY A 370 -18.67 3.31 2.69
N PRO A 371 -19.22 4.18 3.47
N PRO A 371 -19.22 4.18 3.47
N PRO A 371 -19.53 3.90 3.55
N PRO A 371 -19.57 3.91 3.50
CA PRO A 371 -19.91 5.39 3.04
CA PRO A 371 -19.91 5.39 3.04
CA PRO A 371 -20.17 5.16 3.22
CA PRO A 371 -20.17 5.19 3.19
C PRO A 371 -18.93 6.47 2.57
C PRO A 371 -18.93 6.47 2.57
C PRO A 371 -19.14 6.26 2.92
C PRO A 371 -19.13 6.28 2.90
N ILE A 372 -19.36 7.25 1.58
N ILE A 372 -19.36 7.24 1.59
N ILE A 372 -19.44 7.12 1.92
N ILE A 372 -19.39 7.12 1.89
CA ILE A 372 -18.49 8.30 0.99
CA ILE A 372 -18.49 8.30 1.00
CA ILE A 372 -18.54 8.22 1.46
CA ILE A 372 -18.47 8.22 1.46
C ILE A 372 -18.27 9.40 2.02
C ILE A 372 -18.27 9.40 2.02
C ILE A 372 -18.49 9.36 2.49
C ILE A 372 -18.36 9.24 2.59
N SER A 373 -19.23 9.62 2.88
N SER A 373 -19.23 9.62 2.88
N SER A 373 -19.41 9.33 3.44
N SER A 373 -19.45 9.47 3.31
CA SER A 373 -19.23 10.57 4.02
CA SER A 373 -19.23 10.57 4.01
CA SER A 373 -19.54 10.25 4.60
CA SER A 373 -19.44 10.33 4.50
C SER A 373 -20.04 9.90 5.11
C SER A 373 -20.04 9.90 5.11
C SER A 373 -20.39 9.51 5.60
C SER A 373 -20.31 9.64 5.55
N THR A 374 -19.87 10.29 6.36
N THR A 374 -19.86 10.30 6.36
N THR A 374 -20.16 9.83 6.88
N THR A 374 -19.99 9.90 6.81
CA THR A 374 -20.56 9.59 7.48
CA THR A 374 -20.56 9.61 7.48
CA THR A 374 -20.87 9.18 7.95
CA THR A 374 -20.73 9.29 7.92
C THR A 374 -22.13 9.48 7.33
C THR A 374 -22.13 9.48 7.33
C THR A 374 -22.23 9.44 7.50
C THR A 374 -22.17 9.45 7.51
N GLY A 375 -22.81 8.31 7.45
CA GLY A 375 -24.22 8.19 7.32
C GLY A 375 -24.80 8.09 5.91
N SER A 376 -23.91 8.26 4.91
CA SER A 376 -24.36 8.22 3.50
C SER A 376 -24.75 6.81 3.13
N SER A 377 -25.68 6.69 2.23
CA SER A 377 -26.03 5.41 1.58
C SER A 377 -25.28 5.19 0.28
N SER A 378 -24.34 6.07 -0.07
N SER A 378 -24.37 6.08 -0.10
N SER A 378 -24.34 6.07 -0.07
N SER A 378 -24.38 6.09 -0.11
CA SER A 378 -23.41 5.88 -1.20
CA SER A 378 -23.44 5.81 -1.21
CA SER A 378 -23.41 5.89 -1.19
CA SER A 378 -23.43 5.86 -1.21
C SER A 378 -22.09 5.40 -0.63
C SER A 378 -22.13 5.35 -0.59
C SER A 378 -22.09 5.40 -0.64
C SER A 378 -22.12 5.37 -0.61
N CYS A 379 -21.58 4.28 -1.14
CA CYS A 379 -20.36 3.65 -0.65
C CYS A 379 -19.28 3.79 -1.70
N PHE A 380 -18.04 3.87 -1.25
N PHE A 380 -18.04 3.87 -1.25
N PHE A 380 -18.05 3.74 -1.23
N PHE A 380 -18.03 3.79 -1.22
CA PHE A 380 -16.90 4.04 -2.18
CA PHE A 380 -16.90 4.04 -2.18
CA PHE A 380 -16.86 4.02 -2.05
CA PHE A 380 -16.84 4.05 -2.06
C PHE A 380 -16.31 2.68 -2.55
C PHE A 380 -16.32 2.68 -2.56
C PHE A 380 -16.25 2.70 -2.52
C PHE A 380 -16.23 2.72 -2.52
N GLY A 381 -16.00 2.55 -3.82
CA GLY A 381 -15.44 1.30 -4.34
C GLY A 381 -13.95 1.13 -4.13
N GLY A 382 -13.56 -0.12 -3.99
CA GLY A 382 -12.16 -0.45 -3.79
C GLY A 382 -11.38 -0.75 -5.06
N ILE A 383 -12.06 -0.80 -6.18
CA ILE A 383 -11.47 -0.93 -7.51
C ILE A 383 -11.77 0.37 -8.23
N GLN A 384 -10.73 1.05 -8.69
CA GLN A 384 -10.84 2.37 -9.32
C GLN A 384 -10.01 2.40 -10.56
N SER A 385 -10.30 3.35 -11.44
CA SER A 385 -9.53 3.50 -12.69
C SER A 385 -8.16 4.09 -12.43
N SER A 386 -7.19 3.54 -13.12
CA SER A 386 -5.84 4.07 -13.15
C SER A 386 -5.64 5.14 -14.21
N ALA A 387 -6.71 5.59 -14.85
N ALA A 387 -6.63 5.38 -15.06
N ALA A 387 -6.71 5.58 -14.86
N ALA A 387 -6.63 5.38 -15.06
CA ALA A 387 -6.59 6.60 -15.93
CA ALA A 387 -6.42 6.19 -16.27
CA ALA A 387 -6.60 6.57 -15.95
CA ALA A 387 -6.41 6.21 -16.26
C ALA A 387 -6.17 7.92 -15.31
C ALA A 387 -5.78 7.56 -15.94
C ALA A 387 -6.18 7.89 -15.34
C ALA A 387 -5.76 7.56 -15.90
N GLY A 388 -5.09 8.47 -15.83
N GLY A 388 -6.03 8.19 -14.78
N GLY A 388 -5.08 8.44 -15.85
N GLY A 388 -6.05 8.21 -14.76
CA GLY A 388 -4.52 9.74 -15.35
CA GLY A 388 -5.47 9.51 -14.44
CA GLY A 388 -4.52 9.70 -15.37
CA GLY A 388 -5.49 9.53 -14.39
C GLY A 388 -3.41 9.50 -14.35
C GLY A 388 -4.23 9.43 -13.55
C GLY A 388 -3.45 9.47 -14.32
C GLY A 388 -4.10 9.45 -13.76
N ILE A 389 -3.31 8.27 -13.80
N ILE A 389 -3.55 8.26 -13.50
N ILE A 389 -3.30 8.24 -13.82
N ILE A 389 -3.59 8.24 -13.46
CA ILE A 389 -2.27 7.95 -12.77
CA ILE A 389 -2.28 7.93 -12.75
CA ILE A 389 -2.27 7.93 -12.78
CA ILE A 389 -2.28 7.93 -12.75
C ILE A 389 -1.02 7.49 -13.51
C ILE A 389 -1.07 7.73 -13.66
C ILE A 389 -1.02 7.49 -13.51
C ILE A 389 -1.07 7.74 -13.67
N GLY A 390 -1.17 6.94 -14.73
CA GLY A 390 -0.05 6.59 -15.59
C GLY A 390 0.52 5.22 -15.29
N ILE A 391 -0.03 4.51 -14.27
CA ILE A 391 0.37 3.13 -13.92
C ILE A 391 -0.81 2.43 -13.20
N ASN A 392 -0.86 1.14 -13.43
CA ASN A 392 -1.81 0.30 -12.70
C ASN A 392 -1.19 -0.06 -11.37
N ILE A 393 -2.00 -0.12 -10.34
CA ILE A 393 -1.48 -0.33 -8.96
C ILE A 393 -2.27 -1.43 -8.29
N PHE A 394 -1.56 -2.52 -7.99
CA PHE A 394 -2.09 -3.60 -7.15
C PHE A 394 -1.81 -3.20 -5.71
N GLY A 395 -2.70 -2.42 -5.13
CA GLY A 395 -2.59 -1.96 -3.76
C GLY A 395 -3.16 -2.97 -2.80
N ASP A 396 -3.42 -2.52 -1.60
N ASP A 396 -3.42 -2.52 -1.60
N ASP A 396 -3.42 -2.51 -1.59
N ASP A 396 -3.42 -2.51 -1.59
CA ASP A 396 -3.77 -3.43 -0.49
CA ASP A 396 -3.77 -3.43 -0.49
CA ASP A 396 -3.76 -3.37 -0.44
CA ASP A 396 -3.78 -3.36 -0.42
C ASP A 396 -5.01 -4.27 -0.79
C ASP A 396 -5.01 -4.27 -0.79
C ASP A 396 -5.02 -4.23 -0.72
C ASP A 396 -5.03 -4.22 -0.72
N VAL A 397 -6.01 -3.71 -1.46
CA VAL A 397 -7.21 -4.46 -1.83
C VAL A 397 -6.82 -5.78 -2.51
N ALA A 398 -5.89 -5.71 -3.41
CA ALA A 398 -5.42 -6.92 -4.10
C ALA A 398 -4.46 -7.73 -3.27
N LEU A 399 -3.47 -7.06 -2.67
CA LEU A 399 -2.40 -7.80 -2.00
C LEU A 399 -2.91 -8.53 -0.79
N LYS A 400 -3.90 -7.97 -0.07
N LYS A 400 -3.92 -8.02 -0.08
N LYS A 400 -3.93 -8.01 -0.09
N LYS A 400 -3.92 -8.02 -0.07
CA LYS A 400 -4.40 -8.61 1.15
CA LYS A 400 -4.33 -8.70 1.17
CA LYS A 400 -4.40 -8.64 1.16
CA LYS A 400 -4.37 -8.68 1.18
C LYS A 400 -5.09 -9.94 0.85
C LYS A 400 -5.16 -9.96 0.87
C LYS A 400 -5.13 -9.95 0.86
C LYS A 400 -5.21 -9.94 0.88
N ALA A 401 -5.52 -10.19 -0.40
CA ALA A 401 -6.12 -11.47 -0.80
C ALA A 401 -5.04 -12.52 -1.02
N ALA A 402 -3.78 -12.23 -0.88
CA ALA A 402 -2.70 -13.18 -1.20
C ALA A 402 -1.62 -13.13 -0.14
N PHE A 403 -0.81 -14.19 -0.17
CA PHE A 403 0.52 -14.21 0.45
C PHE A 403 1.50 -13.80 -0.63
N VAL A 404 2.24 -12.73 -0.45
CA VAL A 404 3.03 -12.12 -1.53
C VAL A 404 4.50 -12.18 -1.16
N VAL A 405 5.31 -12.74 -2.06
CA VAL A 405 6.75 -12.84 -1.91
C VAL A 405 7.44 -11.80 -2.77
N PHE A 406 8.22 -10.95 -2.16
CA PHE A 406 9.04 -9.99 -2.85
C PHE A 406 10.45 -10.56 -2.85
N ASN A 407 10.84 -11.09 -4.00
N ASN A 407 10.84 -11.09 -4.00
N ASN A 407 10.78 -11.24 -3.94
N ASN A 407 10.78 -11.24 -3.94
CA ASN A 407 12.13 -11.81 -4.17
CA ASN A 407 12.13 -11.81 -4.17
CA ASN A 407 12.05 -11.98 -4.10
CA ASN A 407 12.05 -11.98 -4.10
C ASN A 407 13.15 -10.83 -4.70
C ASN A 407 13.15 -10.83 -4.70
C ASN A 407 13.12 -11.03 -4.66
C ASN A 407 13.12 -11.03 -4.66
N GLY A 408 14.04 -10.51 -3.81
CA GLY A 408 15.12 -9.58 -4.13
C GLY A 408 16.43 -10.21 -4.52
N ALA A 409 16.38 -11.47 -4.97
N ALA A 409 16.38 -11.47 -4.97
N ALA A 409 16.41 -11.35 -5.15
N ALA A 409 16.41 -11.35 -5.16
CA ALA A 409 17.48 -12.23 -5.64
CA ALA A 409 17.48 -12.23 -5.64
CA ALA A 409 17.66 -11.89 -5.72
CA ALA A 409 17.66 -11.89 -5.72
C ALA A 409 18.05 -11.41 -6.80
C ALA A 409 18.05 -11.41 -6.80
C ALA A 409 18.05 -11.07 -6.96
C ALA A 409 18.05 -11.07 -6.97
N THR A 410 19.20 -11.83 -7.35
N THR A 410 19.20 -11.83 -7.35
N THR A 410 19.23 -11.36 -7.52
N THR A 410 19.23 -11.35 -7.53
CA THR A 410 19.96 -10.99 -8.32
CA THR A 410 19.96 -10.98 -8.32
CA THR A 410 19.75 -10.70 -8.74
CA THR A 410 19.74 -10.67 -8.75
C THR A 410 19.02 -10.48 -9.43
C THR A 410 19.02 -10.47 -9.42
C THR A 410 18.69 -10.71 -9.83
C THR A 410 18.67 -10.67 -9.83
N THR A 411 18.19 -11.38 -9.93
N THR A 411 18.20 -11.37 -9.94
N THR A 411 17.92 -11.79 -10.00
N THR A 411 17.92 -11.77 -10.01
CA THR A 411 17.03 -11.05 -10.80
CA THR A 411 17.03 -11.05 -10.80
CA THR A 411 16.74 -11.77 -10.89
CA THR A 411 16.73 -11.76 -10.90
C THR A 411 15.78 -11.09 -9.94
C THR A 411 15.79 -11.09 -9.92
C THR A 411 15.48 -11.68 -10.04
C THR A 411 15.48 -11.67 -10.03
N PRO A 412 15.21 -9.95 -9.51
N PRO A 412 15.22 -9.94 -9.51
N PRO A 412 14.92 -10.46 -9.84
N PRO A 412 14.92 -10.46 -9.84
CA PRO A 412 14.05 -9.98 -8.63
CA PRO A 412 14.06 -9.97 -8.63
CA PRO A 412 13.80 -10.34 -8.93
CA PRO A 412 13.81 -10.34 -8.91
C PRO A 412 12.85 -10.59 -9.34
C PRO A 412 12.86 -10.59 -9.32
C PRO A 412 12.53 -10.94 -9.52
C PRO A 412 12.54 -10.95 -9.51
N THR A 413 11.97 -11.16 -8.53
N THR A 413 11.98 -11.17 -8.52
N THR A 413 11.68 -11.48 -8.65
N THR A 413 11.70 -11.48 -8.64
CA THR A 413 10.68 -11.68 -8.99
CA THR A 413 10.69 -11.70 -8.99
CA THR A 413 10.36 -12.00 -9.02
CA THR A 413 10.39 -12.01 -9.02
C THR A 413 9.64 -11.42 -7.90
C THR A 413 9.65 -11.49 -7.89
C THR A 413 9.39 -11.63 -7.90
C THR A 413 9.40 -11.72 -7.90
N LEU A 414 8.36 -11.60 -8.25
N LEU A 414 8.41 -11.89 -8.17
N LEU A 414 8.14 -11.58 -8.27
N LEU A 414 8.16 -11.98 -8.23
CA LEU A 414 7.24 -11.61 -7.27
CA LEU A 414 7.25 -11.63 -7.30
CA LEU A 414 7.06 -11.61 -7.27
CA LEU A 414 7.07 -11.64 -7.32
C LEU A 414 6.58 -12.99 -7.22
C LEU A 414 6.36 -12.88 -7.24
C LEU A 414 6.50 -13.00 -7.23
C LEU A 414 6.24 -12.89 -7.25
N GLY A 415 6.09 -13.42 -6.05
CA GLY A 415 5.30 -14.62 -5.92
C GLY A 415 3.97 -14.35 -5.27
N PHE A 416 2.95 -15.00 -5.72
CA PHE A 416 1.61 -14.93 -5.12
C PHE A 416 1.09 -16.28 -4.79
N ALA A 417 0.51 -16.45 -3.62
CA ALA A 417 -0.22 -17.65 -3.23
C ALA A 417 -1.55 -17.24 -2.64
N SER A 418 -2.54 -18.08 -2.79
N SER A 418 -2.52 -18.13 -2.74
CA SER A 418 -3.79 -17.91 -2.03
CA SER A 418 -3.76 -18.04 -1.96
C SER A 418 -3.52 -18.27 -0.55
C SER A 418 -3.45 -18.27 -0.48
N LYS A 419 -4.44 -17.88 0.33
CA LYS A 419 -4.25 -18.08 1.78
C LYS A 419 -5.59 -18.21 2.49
#